data_1Q54
#
_entry.id   1Q54
#
_cell.length_a   68.830
_cell.length_b   71.350
_cell.length_c   91.490
_cell.angle_alpha   90.00
_cell.angle_beta   90.00
_cell.angle_gamma   90.00
#
_symmetry.space_group_name_H-M   'P 21 21 21'
#
loop_
_entity.id
_entity.type
_entity.pdbx_description
1 polymer 'ISOPENTENYL DIPHOSPHATE DELTA-ISOMERASE'
2 non-polymer 'MANGANESE (II) ION'
3 non-polymer 'MAGNESIUM ION'
4 non-polymer '4-BROMO-3-HYDROXY-3-METHYL BUTYL DIPHOSPHATE'
5 water water
#
_entity_poly.entity_id   1
_entity_poly.type   'polypeptide(L)'
_entity_poly.pdbx_seq_one_letter_code
;MQTEHVILLNAQGVPTGTLEKYAAHTADTRLHLAFSSWLFNAKGQLLVTRRALSKKAWPGVWTNSVAGHPQLGESNEDAV
IRRCRYELGVEITPPESIYPDFRYRATDPSGIVENEVCPVFAARTTSALQINDDEVMDYQWCDLADVLHGIDATPWAFSP
WMVMQATNREARKRLSAFTQLKL
;
_entity_poly.pdbx_strand_id   A,B
#
loop_
_chem_comp.id
_chem_comp.type
_chem_comp.name
_chem_comp.formula
BHI non-polymer '4-BROMO-3-HYDROXY-3-METHYL BUTYL DIPHOSPHATE' 'C5 H13 Br O8 P2'
MG non-polymer 'MAGNESIUM ION' 'Mg 2'
MN non-polymer 'MANGANESE (II) ION' 'Mn 2'
#
# COMPACT_ATOMS: atom_id res chain seq x y z
N GLU A 4 -28.42 -1.02 -5.13
CA GLU A 4 -27.22 -0.29 -5.56
C GLU A 4 -26.60 -0.89 -6.80
N HIS A 5 -26.31 -0.05 -7.79
CA HIS A 5 -25.86 -0.56 -9.08
C HIS A 5 -24.75 0.28 -9.68
N VAL A 6 -24.25 -0.16 -10.83
CA VAL A 6 -23.37 0.66 -11.66
C VAL A 6 -24.08 0.85 -13.00
N ILE A 7 -23.67 1.84 -13.76
CA ILE A 7 -24.32 2.13 -15.03
C ILE A 7 -23.44 1.81 -16.22
N LEU A 8 -23.85 0.80 -17.00
CA LEU A 8 -23.11 0.37 -18.18
C LEU A 8 -23.18 1.41 -19.29
N LEU A 9 -22.03 1.67 -19.89
CA LEU A 9 -21.89 2.62 -20.97
C LEU A 9 -21.45 1.93 -22.26
N ASN A 10 -22.02 2.34 -23.40
CA ASN A 10 -21.58 1.76 -24.68
C ASN A 10 -20.30 2.48 -25.12
N ALA A 11 -19.83 2.11 -26.31
CA ALA A 11 -18.62 2.63 -26.90
C ALA A 11 -18.54 4.15 -26.73
N GLN A 12 -19.70 4.81 -26.92
CA GLN A 12 -19.76 6.22 -26.58
C GLN A 12 -20.30 6.33 -25.18
N GLY A 13 -20.23 7.45 -24.48
CA GLY A 13 -20.64 7.37 -23.08
C GLY A 13 -22.13 7.26 -22.86
N VAL A 14 -22.84 6.38 -23.59
CA VAL A 14 -24.29 6.35 -23.37
C VAL A 14 -24.68 5.19 -22.45
N PRO A 15 -25.41 5.47 -21.38
CA PRO A 15 -25.91 4.37 -20.53
C PRO A 15 -26.71 3.39 -21.37
N THR A 16 -26.53 2.09 -21.11
CA THR A 16 -27.38 1.12 -21.83
C THR A 16 -28.04 0.15 -20.85
N GLY A 17 -27.75 0.26 -19.56
CA GLY A 17 -28.41 -0.59 -18.57
C GLY A 17 -27.61 -0.59 -17.28
N THR A 18 -27.98 -1.43 -16.31
CA THR A 18 -27.30 -1.47 -15.03
C THR A 18 -26.97 -2.91 -14.59
N LEU A 19 -26.14 -2.99 -13.56
CA LEU A 19 -25.70 -4.26 -12.98
C LEU A 19 -25.63 -4.06 -11.48
N GLU A 20 -25.94 -5.06 -10.66
CA GLU A 20 -25.73 -4.88 -9.21
C GLU A 20 -24.26 -4.54 -9.00
N LYS A 21 -23.98 -3.70 -8.01
CA LYS A 21 -22.61 -3.21 -7.84
C LYS A 21 -21.62 -4.34 -7.58
N TYR A 22 -21.95 -5.24 -6.66
CA TYR A 22 -21.00 -6.32 -6.31
C TYR A 22 -20.68 -7.13 -7.56
N ALA A 23 -21.73 -7.69 -8.15
CA ALA A 23 -21.63 -8.51 -9.34
C ALA A 23 -20.92 -7.84 -10.51
N ALA A 24 -20.75 -6.51 -10.50
CA ALA A 24 -20.25 -5.84 -11.69
C ALA A 24 -18.73 -5.80 -11.75
N HIS A 25 -18.08 -6.00 -10.62
CA HIS A 25 -16.61 -5.92 -10.61
C HIS A 25 -16.03 -7.32 -10.59
N THR A 26 -15.47 -7.70 -11.72
CA THR A 26 -14.95 -9.04 -11.93
C THR A 26 -13.58 -8.99 -12.60
N ALA A 27 -13.13 -10.17 -13.00
CA ALA A 27 -11.91 -10.21 -13.81
C ALA A 27 -12.21 -9.64 -15.20
N ASP A 28 -13.50 -9.54 -15.55
CA ASP A 28 -13.89 -9.06 -16.86
C ASP A 28 -14.80 -7.84 -16.78
N THR A 29 -14.58 -6.94 -15.82
CA THR A 29 -15.46 -5.79 -15.64
C THR A 29 -15.71 -5.01 -16.92
N ARG A 30 -16.99 -4.74 -17.20
CA ARG A 30 -17.39 -3.98 -18.37
C ARG A 30 -17.41 -2.50 -18.07
N LEU A 31 -17.25 -1.69 -19.11
CA LEU A 31 -17.20 -0.23 -18.94
C LEU A 31 -18.44 0.29 -18.22
N HIS A 32 -18.25 1.04 -17.13
CA HIS A 32 -19.41 1.64 -16.46
C HIS A 32 -19.09 3.05 -15.98
N LEU A 33 -20.06 3.68 -15.34
CA LEU A 33 -19.92 5.06 -14.90
C LEU A 33 -19.47 5.18 -13.45
N ALA A 34 -18.55 6.11 -13.21
CA ALA A 34 -17.97 6.30 -11.88
C ALA A 34 -17.55 7.75 -11.66
N PHE A 35 -17.09 8.03 -10.43
CA PHE A 35 -16.54 9.35 -10.17
C PHE A 35 -15.29 9.16 -9.31
N SER A 36 -14.46 10.18 -9.28
CA SER A 36 -13.40 10.27 -8.27
C SER A 36 -13.34 11.69 -7.73
N SER A 37 -13.09 11.85 -6.44
CA SER A 37 -12.96 13.20 -5.89
C SER A 37 -11.77 13.27 -4.95
N TRP A 38 -11.20 14.46 -4.84
CA TRP A 38 -10.08 14.78 -3.98
C TRP A 38 -10.55 15.77 -2.92
N LEU A 39 -10.38 15.46 -1.63
CA LEU A 39 -10.92 16.34 -0.60
C LEU A 39 -9.83 17.03 0.21
N PHE A 40 -10.05 18.32 0.48
CA PHE A 40 -9.08 19.15 1.21
C PHE A 40 -9.75 19.80 2.40
N ASN A 41 -9.06 19.98 3.54
CA ASN A 41 -9.77 20.61 4.64
C ASN A 41 -9.62 22.12 4.57
N ALA A 42 -10.12 22.84 5.56
CA ALA A 42 -10.06 24.30 5.56
C ALA A 42 -8.64 24.81 5.44
N LYS A 43 -7.69 24.02 5.96
CA LYS A 43 -6.28 24.40 5.95
C LYS A 43 -5.64 24.13 4.60
N GLY A 44 -6.31 23.34 3.74
CA GLY A 44 -5.68 23.01 2.48
C GLY A 44 -5.00 21.66 2.51
N GLN A 45 -5.18 20.90 3.58
CA GLN A 45 -4.58 19.54 3.58
C GLN A 45 -5.40 18.60 2.70
N LEU A 46 -4.75 17.73 1.96
CA LEU A 46 -5.45 16.71 1.17
C LEU A 46 -5.75 15.49 2.03
N LEU A 47 -6.95 14.95 1.91
CA LEU A 47 -7.23 13.69 2.60
C LEU A 47 -6.89 12.53 1.70
N VAL A 48 -5.99 11.67 2.16
CA VAL A 48 -5.64 10.46 1.44
C VAL A 48 -6.27 9.30 2.20
N THR A 49 -6.85 8.33 1.50
CA THR A 49 -7.48 7.25 2.25
C THR A 49 -6.88 5.90 1.81
N ARG A 50 -7.06 4.92 2.67
CA ARG A 50 -6.62 3.55 2.41
C ARG A 50 -7.88 2.70 2.34
N ARG A 51 -8.09 2.03 1.21
CA ARG A 51 -9.35 1.28 1.08
C ARG A 51 -9.39 0.10 2.05
N ALA A 52 -10.60 -0.17 2.54
CA ALA A 52 -10.75 -1.26 3.52
C ALA A 52 -10.34 -2.58 2.90
N LEU A 53 -9.95 -3.56 3.72
CA LEU A 53 -9.49 -4.81 3.10
C LEU A 53 -10.66 -5.60 2.51
N SER A 54 -11.89 -5.18 2.78
CA SER A 54 -13.05 -5.91 2.27
C SER A 54 -13.55 -5.39 0.94
N LYS A 55 -12.91 -4.35 0.41
CA LYS A 55 -13.36 -3.81 -0.88
C LYS A 55 -13.10 -4.81 -2.00
N LYS A 56 -14.06 -4.98 -2.92
CA LYS A 56 -13.83 -5.98 -3.96
C LYS A 56 -12.64 -5.62 -4.84
N ALA A 57 -12.41 -4.33 -5.09
CA ALA A 57 -11.34 -3.88 -5.97
C ALA A 57 -10.34 -3.03 -5.19
N TRP A 58 -9.08 -3.25 -5.44
CA TRP A 58 -7.97 -2.59 -4.73
C TRP A 58 -8.19 -2.50 -3.23
N PRO A 59 -8.46 -3.62 -2.56
CA PRO A 59 -8.57 -3.57 -1.10
C PRO A 59 -7.23 -3.16 -0.50
N GLY A 60 -7.22 -2.42 0.60
CA GLY A 60 -5.97 -2.15 1.29
C GLY A 60 -5.05 -1.21 0.52
N VAL A 61 -5.57 -0.52 -0.48
CA VAL A 61 -4.73 0.37 -1.30
C VAL A 61 -4.91 1.84 -0.94
N TRP A 62 -3.80 2.57 -0.89
CA TRP A 62 -3.80 4.00 -0.64
C TRP A 62 -4.26 4.75 -1.89
N THR A 63 -5.20 5.67 -1.79
CA THR A 63 -5.73 6.34 -2.99
C THR A 63 -6.27 7.72 -2.66
N ASN A 64 -6.90 8.43 -3.60
CA ASN A 64 -7.39 9.77 -3.24
C ASN A 64 -8.62 9.66 -2.32
N SER A 65 -9.21 10.78 -1.95
CA SER A 65 -10.18 10.84 -0.87
C SER A 65 -11.42 9.97 -1.01
N VAL A 66 -12.07 9.97 -2.16
CA VAL A 66 -13.34 9.25 -2.23
C VAL A 66 -13.68 8.98 -3.70
N ALA A 67 -14.22 7.80 -3.96
CA ALA A 67 -14.60 7.48 -5.35
C ALA A 67 -15.83 6.61 -5.32
N GLY A 68 -16.56 6.54 -6.44
CA GLY A 68 -17.79 5.78 -6.41
C GLY A 68 -18.46 5.69 -7.76
N HIS A 69 -19.72 5.29 -7.70
CA HIS A 69 -20.55 4.94 -8.83
C HIS A 69 -21.90 5.67 -8.79
N PRO A 70 -22.06 6.67 -9.65
CA PRO A 70 -23.34 7.38 -9.68
C PRO A 70 -24.45 6.40 -10.03
N GLN A 71 -25.61 6.56 -9.41
CA GLN A 71 -26.75 5.73 -9.76
C GLN A 71 -27.57 6.39 -10.87
N LEU A 72 -28.52 5.65 -11.43
CA LEU A 72 -29.39 6.18 -12.47
C LEU A 72 -30.04 7.49 -12.01
N GLY A 73 -29.86 8.53 -12.81
CA GLY A 73 -30.49 9.83 -12.59
C GLY A 73 -29.82 10.66 -11.53
N GLU A 74 -28.69 10.16 -11.04
CA GLU A 74 -27.97 10.87 -9.98
C GLU A 74 -26.88 11.72 -10.58
N SER A 75 -26.78 12.99 -10.17
CA SER A 75 -25.73 13.83 -10.70
C SER A 75 -24.38 13.39 -10.12
N ASN A 76 -23.33 13.68 -10.88
CA ASN A 76 -21.97 13.41 -10.44
C ASN A 76 -21.77 14.03 -9.06
N GLU A 77 -22.20 15.28 -8.94
CA GLU A 77 -21.94 16.02 -7.72
C GLU A 77 -22.72 15.42 -6.56
N ASP A 78 -23.93 14.94 -6.86
CA ASP A 78 -24.70 14.31 -5.79
C ASP A 78 -23.99 13.02 -5.38
N ALA A 79 -23.46 12.33 -6.39
CA ALA A 79 -22.77 11.06 -6.10
C ALA A 79 -21.58 11.30 -5.19
N VAL A 80 -20.81 12.36 -5.44
CA VAL A 80 -19.69 12.66 -4.55
C VAL A 80 -20.19 12.87 -3.11
N ILE A 81 -21.20 13.73 -2.99
CA ILE A 81 -21.76 14.12 -1.70
C ILE A 81 -22.22 12.90 -0.92
N ARG A 82 -22.92 12.03 -1.64
CA ARG A 82 -23.45 10.79 -1.08
C ARG A 82 -22.30 9.93 -0.57
N ARG A 83 -21.30 9.69 -1.42
CA ARG A 83 -20.24 8.79 -0.96
C ARG A 83 -19.40 9.47 0.12
N CYS A 84 -19.32 10.79 0.07
CA CYS A 84 -18.59 11.48 1.16
C CYS A 84 -19.31 11.21 2.47
N ARG A 85 -20.64 11.29 2.43
CA ARG A 85 -21.39 11.02 3.65
C ARG A 85 -21.27 9.56 4.05
N TYR A 86 -21.34 8.70 3.04
CA TYR A 86 -21.42 7.27 3.35
C TYR A 86 -20.07 6.69 3.79
N GLU A 87 -18.98 7.05 3.14
CA GLU A 87 -17.70 6.42 3.43
C GLU A 87 -16.98 7.13 4.58
N LEU A 88 -17.15 8.44 4.61
CA LEU A 88 -16.35 9.30 5.48
C LEU A 88 -17.20 10.13 6.44
N GLY A 89 -18.52 9.98 6.38
CA GLY A 89 -19.43 10.72 7.25
C GLY A 89 -19.19 12.22 7.21
N VAL A 90 -18.79 12.75 6.07
CA VAL A 90 -18.38 14.15 5.98
C VAL A 90 -19.21 15.00 5.02
N GLU A 91 -19.45 16.24 5.42
CA GLU A 91 -20.10 17.26 4.61
C GLU A 91 -19.08 17.97 3.73
N ILE A 92 -19.46 18.43 2.54
CA ILE A 92 -18.50 19.11 1.70
C ILE A 92 -19.11 20.33 0.99
N THR A 93 -18.24 21.12 0.36
CA THR A 93 -18.66 22.23 -0.49
C THR A 93 -19.02 21.69 -1.86
N PRO A 94 -19.70 22.46 -2.71
CA PRO A 94 -20.02 21.95 -4.04
C PRO A 94 -18.79 21.48 -4.80
N PRO A 95 -18.79 20.22 -5.21
CA PRO A 95 -17.64 19.66 -5.93
C PRO A 95 -17.39 20.42 -7.22
N GLU A 96 -16.13 20.68 -7.51
CA GLU A 96 -15.66 21.40 -8.67
C GLU A 96 -14.97 20.45 -9.63
N SER A 97 -15.14 20.61 -10.94
CA SER A 97 -14.53 19.73 -11.91
C SER A 97 -13.02 19.89 -12.00
N ILE A 98 -12.28 18.80 -12.00
CA ILE A 98 -10.84 18.90 -12.19
C ILE A 98 -10.38 18.07 -13.39
N TYR A 99 -11.11 17.01 -13.73
CA TYR A 99 -10.65 16.14 -14.83
C TYR A 99 -11.87 15.44 -15.40
N PRO A 100 -12.62 16.16 -16.20
CA PRO A 100 -13.94 15.69 -16.64
C PRO A 100 -13.86 14.53 -17.63
N ASP A 101 -12.73 14.36 -18.30
CA ASP A 101 -12.64 13.38 -19.37
C ASP A 101 -11.79 12.18 -18.97
N PHE A 102 -11.54 12.03 -17.67
CA PHE A 102 -10.77 10.85 -17.25
C PHE A 102 -11.54 9.57 -17.56
N ARG A 103 -10.89 8.63 -18.21
CA ARG A 103 -11.39 7.29 -18.49
C ARG A 103 -10.24 6.30 -18.33
N TYR A 104 -10.49 5.13 -17.75
CA TYR A 104 -9.36 4.24 -17.49
C TYR A 104 -9.79 2.82 -17.22
N ARG A 105 -8.90 1.87 -17.53
CA ARG A 105 -9.10 0.48 -17.19
C ARG A 105 -7.86 -0.04 -16.46
N ALA A 106 -8.04 -0.84 -15.42
CA ALA A 106 -6.83 -1.41 -14.80
C ALA A 106 -7.20 -2.72 -14.12
N THR A 107 -6.22 -3.53 -13.76
CA THR A 107 -6.43 -4.80 -13.08
C THR A 107 -5.74 -4.81 -11.73
N ASP A 108 -6.48 -5.20 -10.69
CA ASP A 108 -5.89 -5.14 -9.33
C ASP A 108 -5.04 -6.38 -9.07
N PRO A 109 -4.29 -6.47 -7.98
CA PRO A 109 -3.40 -7.62 -7.79
C PRO A 109 -4.10 -8.96 -7.72
N SER A 110 -5.40 -9.06 -7.40
CA SER A 110 -5.99 -10.39 -7.46
C SER A 110 -6.69 -10.65 -8.79
N GLY A 111 -6.56 -9.72 -9.73
CA GLY A 111 -7.20 -9.87 -11.02
C GLY A 111 -8.53 -9.16 -11.17
N ILE A 112 -9.02 -8.47 -10.14
CA ILE A 112 -10.27 -7.71 -10.28
C ILE A 112 -10.03 -6.47 -11.12
N VAL A 113 -10.93 -6.24 -12.09
CA VAL A 113 -10.77 -5.11 -13.01
C VAL A 113 -11.73 -3.98 -12.70
N GLU A 114 -11.25 -2.74 -12.85
CA GLU A 114 -12.10 -1.57 -12.90
C GLU A 114 -11.99 -1.01 -14.32
N ASN A 115 -13.13 -0.57 -14.83
CA ASN A 115 -13.21 -0.14 -16.23
C ASN A 115 -14.26 0.95 -16.35
N GLU A 116 -13.79 2.20 -16.36
CA GLU A 116 -14.67 3.30 -16.07
C GLU A 116 -14.38 4.57 -16.86
N VAL A 117 -15.49 5.24 -17.12
CA VAL A 117 -15.59 6.66 -17.41
C VAL A 117 -15.71 7.33 -16.04
N CYS A 118 -14.66 8.03 -15.66
CA CYS A 118 -14.59 8.46 -14.26
C CYS A 118 -14.22 9.94 -14.14
N PRO A 119 -15.19 10.83 -14.25
CA PRO A 119 -14.93 12.26 -14.10
C PRO A 119 -14.40 12.54 -12.69
N VAL A 120 -13.43 13.43 -12.59
CA VAL A 120 -12.80 13.71 -11.31
C VAL A 120 -13.22 15.05 -10.74
N PHE A 121 -13.42 15.11 -9.44
CA PHE A 121 -13.83 16.32 -8.75
C PHE A 121 -12.91 16.68 -7.59
N ALA A 122 -13.08 17.87 -7.05
CA ALA A 122 -12.42 18.34 -5.83
C ALA A 122 -13.45 19.04 -4.95
N ALA A 123 -13.23 19.02 -3.65
CA ALA A 123 -14.09 19.73 -2.72
C ALA A 123 -13.35 19.98 -1.41
N ARG A 124 -13.88 20.93 -0.63
CA ARG A 124 -13.43 21.16 0.73
C ARG A 124 -14.40 20.50 1.70
N THR A 125 -13.89 19.96 2.80
CA THR A 125 -14.76 19.42 3.83
C THR A 125 -15.26 20.56 4.72
N THR A 126 -16.48 20.44 5.22
CA THR A 126 -17.07 21.42 6.13
C THR A 126 -17.44 20.82 7.48
N SER A 127 -17.10 19.55 7.64
CA SER A 127 -17.32 18.91 8.95
C SER A 127 -16.18 17.95 9.24
N ALA A 128 -16.15 17.43 10.45
CA ALA A 128 -15.18 16.41 10.83
C ALA A 128 -15.46 15.09 10.11
N LEU A 129 -14.45 14.24 10.00
CA LEU A 129 -14.68 12.91 9.46
C LEU A 129 -15.35 12.02 10.50
N GLN A 130 -16.18 11.12 10.00
CA GLN A 130 -16.75 10.04 10.79
C GLN A 130 -16.59 8.78 9.93
N ILE A 131 -15.56 8.01 10.26
CA ILE A 131 -15.13 6.94 9.35
C ILE A 131 -16.05 5.74 9.34
N ASN A 132 -16.37 5.28 8.14
CA ASN A 132 -17.07 4.02 7.94
C ASN A 132 -16.02 2.93 7.66
N ASP A 133 -15.76 2.08 8.65
CA ASP A 133 -14.65 1.13 8.47
C ASP A 133 -15.04 0.01 7.52
N ASP A 134 -16.28 -0.04 7.04
CA ASP A 134 -16.53 -0.98 5.93
C ASP A 134 -15.92 -0.47 4.63
N GLU A 135 -15.53 0.80 4.56
CA GLU A 135 -15.03 1.38 3.33
C GLU A 135 -13.58 1.87 3.43
N VAL A 136 -13.21 2.42 4.57
CA VAL A 136 -11.88 2.96 4.82
C VAL A 136 -11.23 2.34 6.05
N MET A 137 -10.02 1.83 5.90
CA MET A 137 -9.30 1.18 6.99
C MET A 137 -8.23 2.08 7.58
N ASP A 138 -7.88 3.14 6.86
CA ASP A 138 -6.86 4.07 7.34
C ASP A 138 -6.94 5.35 6.50
N TYR A 139 -6.31 6.42 6.97
CA TYR A 139 -6.32 7.65 6.18
C TYR A 139 -5.27 8.61 6.74
N GLN A 140 -4.93 9.61 5.94
CA GLN A 140 -3.95 10.59 6.41
C GLN A 140 -4.30 11.97 5.87
N TRP A 141 -4.26 12.99 6.71
CA TRP A 141 -4.29 14.37 6.21
C TRP A 141 -2.85 14.80 5.94
N CYS A 142 -2.54 15.30 4.75
CA CYS A 142 -1.16 15.63 4.40
C CYS A 142 -1.09 16.79 3.41
N ASP A 143 0.13 17.27 3.17
CA ASP A 143 0.34 18.28 2.15
C ASP A 143 0.24 17.68 0.75
N LEU A 144 -0.51 18.32 -0.13
CA LEU A 144 -0.60 17.84 -1.51
C LEU A 144 0.81 17.70 -2.13
N ALA A 145 1.65 18.70 -1.89
CA ALA A 145 3.01 18.71 -2.43
C ALA A 145 3.72 17.38 -2.14
N ASP A 146 3.59 16.96 -0.88
CA ASP A 146 4.20 15.70 -0.48
C ASP A 146 3.59 14.52 -1.19
N VAL A 147 2.27 14.55 -1.33
CA VAL A 147 1.57 13.44 -1.98
C VAL A 147 2.00 13.29 -3.43
N LEU A 148 2.18 14.44 -4.09
CA LEU A 148 2.59 14.37 -5.49
C LEU A 148 4.01 13.83 -5.61
N HIS A 149 4.87 14.21 -4.67
CA HIS A 149 6.23 13.70 -4.68
C HIS A 149 6.23 12.17 -4.54
N GLY A 150 5.45 11.69 -3.57
CA GLY A 150 5.38 10.24 -3.40
C GLY A 150 4.80 9.57 -4.63
N ILE A 151 3.81 10.20 -5.26
CA ILE A 151 3.25 9.61 -6.48
C ILE A 151 4.29 9.60 -7.59
N ASP A 152 5.09 10.68 -7.67
CA ASP A 152 6.07 10.71 -8.75
C ASP A 152 7.23 9.76 -8.49
N ALA A 153 7.59 9.53 -7.23
CA ALA A 153 8.75 8.67 -6.97
C ALA A 153 8.38 7.19 -6.92
N THR A 154 7.33 6.82 -6.22
CA THR A 154 6.86 5.46 -6.00
C THR A 154 5.37 5.34 -6.30
N PRO A 155 5.02 5.49 -7.57
CA PRO A 155 3.61 5.45 -7.98
C PRO A 155 2.94 4.13 -7.60
N TRP A 156 3.70 3.03 -7.57
CA TRP A 156 3.22 1.69 -7.28
C TRP A 156 2.68 1.57 -5.87
N ALA A 157 3.02 2.55 -5.03
CA ALA A 157 2.52 2.55 -3.66
C ALA A 157 1.11 3.09 -3.58
N PHE A 158 0.62 3.64 -4.69
CA PHE A 158 -0.72 4.25 -4.71
C PHE A 158 -1.59 3.56 -5.75
N SER A 159 -2.90 3.74 -5.62
CA SER A 159 -3.82 3.24 -6.62
C SER A 159 -3.40 3.74 -8.00
N PRO A 160 -3.50 2.87 -9.00
CA PRO A 160 -3.18 3.35 -10.35
C PRO A 160 -4.16 4.46 -10.76
N TRP A 161 -5.36 4.40 -10.17
CA TRP A 161 -6.37 5.41 -10.46
C TRP A 161 -5.97 6.78 -9.96
N MET A 162 -5.43 6.84 -8.75
CA MET A 162 -4.94 8.08 -8.17
C MET A 162 -3.76 8.61 -8.96
N VAL A 163 -2.82 7.72 -9.28
CA VAL A 163 -1.64 8.06 -10.06
C VAL A 163 -2.03 8.67 -11.40
N MET A 164 -2.95 8.02 -12.12
CA MET A 164 -3.28 8.54 -13.46
C MET A 164 -3.85 9.95 -13.36
N GLN A 165 -4.70 10.19 -12.38
CA GLN A 165 -5.34 11.50 -12.25
C GLN A 165 -4.31 12.56 -11.85
N ALA A 166 -3.41 12.17 -10.95
CA ALA A 166 -2.43 13.13 -10.44
C ALA A 166 -1.36 13.37 -11.48
N THR A 167 -1.31 12.51 -12.50
CA THR A 167 -0.23 12.83 -13.44
C THR A 167 -0.78 13.54 -14.66
N ASN A 168 -2.11 13.67 -14.76
CA ASN A 168 -2.61 14.48 -15.87
C ASN A 168 -2.19 15.93 -15.59
N ARG A 169 -1.61 16.60 -16.58
CA ARG A 169 -1.06 17.93 -16.31
C ARG A 169 -2.11 18.89 -15.76
N GLU A 170 -3.26 18.94 -16.42
CA GLU A 170 -4.25 19.94 -15.99
C GLU A 170 -4.85 19.59 -14.64
N ALA A 171 -5.09 18.30 -14.41
CA ALA A 171 -5.69 17.93 -13.12
C ALA A 171 -4.76 18.32 -11.98
N ARG A 172 -3.46 18.13 -12.18
CA ARG A 172 -2.50 18.49 -11.13
C ARG A 172 -2.52 19.99 -10.87
N LYS A 173 -2.53 20.76 -11.96
CA LYS A 173 -2.63 22.21 -11.84
C LYS A 173 -3.83 22.60 -10.99
N ARG A 174 -4.99 22.04 -11.35
CA ARG A 174 -6.21 22.42 -10.67
C ARG A 174 -6.24 21.92 -9.23
N LEU A 175 -5.75 20.70 -8.99
CA LEU A 175 -5.66 20.28 -7.59
C LEU A 175 -4.79 21.26 -6.81
N SER A 176 -3.63 21.57 -7.38
CA SER A 176 -2.68 22.50 -6.79
C SER A 176 -3.26 23.90 -6.64
N ALA A 177 -3.97 24.36 -7.68
CA ALA A 177 -4.63 25.66 -7.56
C ALA A 177 -5.76 25.56 -6.55
N PHE A 178 -6.30 24.35 -6.37
CA PHE A 178 -7.39 24.22 -5.40
C PHE A 178 -6.98 24.72 -4.02
N THR A 179 -5.75 24.53 -3.60
CA THR A 179 -5.33 25.01 -2.27
C THR A 179 -5.34 26.54 -2.27
N GLU B 4 5.40 -23.82 12.58
CA GLU B 4 6.39 -22.78 12.75
C GLU B 4 6.18 -22.14 14.13
N HIS B 5 7.23 -21.55 14.66
CA HIS B 5 7.20 -20.88 15.96
C HIS B 5 8.01 -19.59 15.92
N VAL B 6 8.01 -18.85 17.02
CA VAL B 6 8.94 -17.74 17.13
C VAL B 6 9.85 -18.03 18.34
N ILE B 7 11.00 -17.39 18.37
CA ILE B 7 11.90 -17.49 19.51
C ILE B 7 11.75 -16.28 20.43
N LEU B 8 11.20 -16.52 21.61
CA LEU B 8 10.95 -15.53 22.63
C LEU B 8 12.25 -15.05 23.27
N LEU B 9 12.33 -13.75 23.49
CA LEU B 9 13.50 -13.13 24.11
C LEU B 9 13.07 -12.40 25.38
N ASN B 10 13.89 -12.44 26.43
CA ASN B 10 13.48 -11.77 27.68
C ASN B 10 13.79 -10.28 27.59
N ALA B 11 13.61 -9.58 28.70
CA ALA B 11 13.79 -8.13 28.81
C ALA B 11 15.08 -7.69 28.13
N GLN B 12 16.11 -8.50 28.26
CA GLN B 12 17.34 -8.30 27.46
C GLN B 12 17.26 -9.25 26.28
N GLY B 13 18.04 -9.10 25.21
CA GLY B 13 17.73 -9.95 24.08
C GLY B 13 18.07 -11.42 24.23
N VAL B 14 17.89 -12.05 25.38
CA VAL B 14 18.30 -13.44 25.53
C VAL B 14 17.12 -14.41 25.36
N PRO B 15 17.31 -15.47 24.58
CA PRO B 15 16.25 -16.44 24.29
C PRO B 15 15.72 -17.09 25.57
N THR B 16 14.44 -17.43 25.60
CA THR B 16 13.93 -18.14 26.77
C THR B 16 13.08 -19.33 26.34
N GLY B 17 12.86 -19.49 25.04
CA GLY B 17 11.99 -20.56 24.54
C GLY B 17 11.25 -20.16 23.27
N THR B 18 10.23 -20.92 22.91
CA THR B 18 9.47 -20.71 21.69
C THR B 18 7.96 -20.71 21.89
N LEU B 19 7.28 -20.09 20.93
CA LEU B 19 5.84 -19.98 20.86
C LEU B 19 5.36 -20.23 19.43
N GLU B 20 4.26 -20.98 19.29
CA GLU B 20 3.67 -21.19 17.97
C GLU B 20 3.48 -19.85 17.27
N LYS B 21 3.68 -19.81 15.96
CA LYS B 21 3.80 -18.50 15.31
C LYS B 21 2.50 -17.72 15.33
N TYR B 22 1.41 -18.30 14.86
CA TYR B 22 0.13 -17.58 14.85
C TYR B 22 -0.19 -17.04 16.25
N ALA B 23 -0.34 -17.98 17.17
CA ALA B 23 -0.60 -17.70 18.57
C ALA B 23 0.36 -16.67 19.17
N ALA B 24 1.55 -16.47 18.62
CA ALA B 24 2.46 -15.49 19.22
C ALA B 24 2.15 -14.07 18.78
N HIS B 25 1.43 -13.91 17.67
CA HIS B 25 1.19 -12.55 17.18
C HIS B 25 -0.21 -12.09 17.53
N THR B 26 -0.27 -11.24 18.56
CA THR B 26 -1.55 -10.80 19.09
C THR B 26 -1.51 -9.30 19.42
N ALA B 27 -2.47 -8.89 20.24
CA ALA B 27 -2.44 -7.53 20.76
C ALA B 27 -1.44 -7.45 21.90
N ASP B 28 -0.90 -8.60 22.30
CA ASP B 28 -0.04 -8.73 23.47
C ASP B 28 1.29 -9.40 23.13
N THR B 29 1.78 -9.20 21.91
CA THR B 29 2.93 -9.96 21.44
C THR B 29 4.16 -9.77 22.32
N ARG B 30 4.70 -10.89 22.80
CA ARG B 30 5.91 -10.84 23.61
C ARG B 30 7.13 -10.73 22.70
N LEU B 31 8.20 -10.16 23.23
CA LEU B 31 9.41 -10.00 22.45
C LEU B 31 9.89 -11.32 21.86
N HIS B 32 10.20 -11.35 20.56
CA HIS B 32 10.72 -12.57 19.95
C HIS B 32 11.72 -12.21 18.86
N LEU B 33 12.35 -13.25 18.30
CA LEU B 33 13.37 -12.99 17.28
C LEU B 33 12.80 -12.90 15.88
N ALA B 34 13.33 -11.98 15.08
CA ALA B 34 12.92 -11.82 13.69
C ALA B 34 14.05 -11.35 12.81
N PHE B 35 13.81 -11.30 11.49
CA PHE B 35 14.78 -10.70 10.58
C PHE B 35 14.06 -9.84 9.56
N SER B 36 14.81 -8.92 8.99
CA SER B 36 14.35 -8.16 7.83
C SER B 36 15.46 -8.14 6.78
N SER B 37 15.13 -8.35 5.51
CA SER B 37 16.17 -8.30 4.50
C SER B 37 15.73 -7.51 3.28
N TRP B 38 16.71 -6.81 2.71
CA TRP B 38 16.53 -5.96 1.53
C TRP B 38 17.26 -6.61 0.37
N LEU B 39 16.56 -6.94 -0.70
CA LEU B 39 17.15 -7.65 -1.82
C LEU B 39 17.28 -6.80 -3.08
N PHE B 40 18.38 -6.99 -3.78
CA PHE B 40 18.74 -6.22 -4.97
C PHE B 40 19.06 -7.13 -6.14
N ASN B 41 18.62 -6.82 -7.37
CA ASN B 41 18.97 -7.76 -8.44
C ASN B 41 20.39 -7.47 -8.93
N ALA B 42 20.87 -8.17 -9.94
CA ALA B 42 22.23 -7.94 -10.43
C ALA B 42 22.40 -6.47 -10.84
N LYS B 43 21.33 -5.91 -11.36
CA LYS B 43 21.28 -4.54 -11.89
C LYS B 43 21.34 -3.51 -10.78
N GLY B 44 21.12 -3.95 -9.54
CA GLY B 44 21.22 -3.04 -8.42
C GLY B 44 19.88 -2.47 -8.02
N GLN B 45 18.82 -2.93 -8.70
CA GLN B 45 17.47 -2.47 -8.36
C GLN B 45 17.02 -3.17 -7.08
N LEU B 46 16.23 -2.45 -6.30
CA LEU B 46 15.67 -3.02 -5.07
C LEU B 46 14.33 -3.69 -5.34
N LEU B 47 14.13 -4.85 -4.72
CA LEU B 47 12.81 -5.47 -4.82
C LEU B 47 11.94 -4.98 -3.67
N VAL B 48 10.84 -4.33 -4.00
CA VAL B 48 9.80 -3.95 -3.03
C VAL B 48 8.64 -4.93 -3.17
N THR B 49 8.04 -5.29 -2.04
CA THR B 49 6.94 -6.26 -2.10
C THR B 49 5.71 -5.71 -1.37
N ARG B 50 4.56 -6.25 -1.70
CA ARG B 50 3.29 -5.94 -1.04
C ARG B 50 2.78 -7.15 -0.28
N ARG B 51 2.70 -7.07 1.05
CA ARG B 51 2.25 -8.22 1.83
C ARG B 51 0.86 -8.67 1.43
N ALA B 52 0.70 -10.00 1.42
CA ALA B 52 -0.58 -10.59 1.00
C ALA B 52 -1.71 -10.16 1.91
N LEU B 53 -2.96 -10.21 1.40
CA LEU B 53 -4.06 -9.75 2.23
C LEU B 53 -4.33 -10.70 3.39
N SER B 54 -3.76 -11.90 3.34
CA SER B 54 -4.06 -12.86 4.40
C SER B 54 -2.99 -12.88 5.48
N LYS B 55 -2.01 -11.98 5.39
CA LYS B 55 -1.01 -11.92 6.46
C LYS B 55 -1.65 -11.42 7.76
N LYS B 56 -1.37 -12.06 8.89
CA LYS B 56 -1.99 -11.59 10.12
C LYS B 56 -1.61 -10.13 10.42
N ALA B 57 -0.35 -9.77 10.22
CA ALA B 57 0.10 -8.42 10.56
C ALA B 57 0.48 -7.63 9.30
N TRP B 58 0.11 -6.35 9.27
CA TRP B 58 0.25 -5.47 8.11
C TRP B 58 -0.12 -6.10 6.79
N PRO B 59 -1.31 -6.70 6.68
CA PRO B 59 -1.67 -7.30 5.39
C PRO B 59 -1.91 -6.22 4.35
N GLY B 60 -1.62 -6.50 3.08
CA GLY B 60 -1.85 -5.55 2.01
C GLY B 60 -0.94 -4.35 2.03
N VAL B 61 0.14 -4.37 2.80
CA VAL B 61 1.03 -3.23 2.96
C VAL B 61 2.33 -3.37 2.16
N TRP B 62 2.76 -2.28 1.53
CA TRP B 62 4.00 -2.22 0.77
C TRP B 62 5.19 -2.15 1.71
N THR B 63 6.25 -2.91 1.45
CA THR B 63 7.35 -3.01 2.41
C THR B 63 8.64 -3.42 1.71
N ASN B 64 9.72 -3.64 2.48
CA ASN B 64 10.97 -4.07 1.84
C ASN B 64 10.89 -5.54 1.45
N SER B 65 11.96 -6.11 0.92
CA SER B 65 11.95 -7.37 0.20
C SER B 65 11.34 -8.57 0.92
N VAL B 66 11.72 -8.79 2.16
CA VAL B 66 11.38 -10.06 2.84
C VAL B 66 11.65 -9.95 4.33
N ALA B 67 10.83 -10.58 5.14
CA ALA B 67 11.06 -10.55 6.58
C ALA B 67 10.52 -11.85 7.16
N GLY B 68 11.03 -12.22 8.33
CA GLY B 68 10.51 -13.45 8.91
C GLY B 68 11.00 -13.71 10.32
N HIS B 69 10.90 -14.97 10.70
CA HIS B 69 11.17 -15.45 12.04
C HIS B 69 12.07 -16.67 12.02
N PRO B 70 13.30 -16.54 12.49
CA PRO B 70 14.19 -17.71 12.56
C PRO B 70 13.57 -18.78 13.43
N GLN B 71 13.79 -20.03 13.06
CA GLN B 71 13.31 -21.13 13.90
C GLN B 71 14.41 -21.65 14.82
N LEU B 72 14.01 -22.52 15.75
CA LEU B 72 14.95 -23.21 16.62
C LEU B 72 16.04 -23.89 15.79
N GLY B 73 17.30 -23.65 16.17
CA GLY B 73 18.45 -24.26 15.54
C GLY B 73 18.87 -23.57 14.27
N GLU B 74 18.08 -22.59 13.83
CA GLU B 74 18.35 -21.93 12.55
C GLU B 74 19.03 -20.59 12.74
N SER B 75 20.09 -20.34 11.97
CA SER B 75 20.76 -19.04 12.03
C SER B 75 19.88 -17.99 11.33
N ASN B 76 20.10 -16.74 11.72
CA ASN B 76 19.39 -15.62 11.14
C ASN B 76 19.57 -15.67 9.63
N GLU B 77 20.82 -15.86 9.21
CA GLU B 77 21.13 -15.84 7.78
C GLU B 77 20.47 -16.99 7.05
N ASP B 78 20.27 -18.12 7.75
CA ASP B 78 19.58 -19.24 7.10
C ASP B 78 18.10 -18.95 6.99
N ALA B 79 17.55 -18.26 7.99
CA ALA B 79 16.15 -17.88 7.95
C ALA B 79 15.89 -16.96 6.77
N VAL B 80 16.84 -16.04 6.52
CA VAL B 80 16.69 -15.16 5.37
C VAL B 80 16.61 -15.95 4.07
N ILE B 81 17.53 -16.88 3.90
CA ILE B 81 17.61 -17.76 2.74
C ILE B 81 16.29 -18.49 2.55
N ARG B 82 15.80 -19.07 3.64
CA ARG B 82 14.58 -19.85 3.64
C ARG B 82 13.38 -18.99 3.22
N ARG B 83 13.22 -17.82 3.82
CA ARG B 83 12.00 -17.05 3.48
C ARG B 83 12.09 -16.48 2.07
N CYS B 84 13.32 -16.19 1.62
CA CYS B 84 13.47 -15.72 0.24
C CYS B 84 12.93 -16.81 -0.69
N ARG B 85 13.33 -18.03 -0.33
CA ARG B 85 12.89 -19.18 -1.11
C ARG B 85 11.40 -19.41 -0.94
N TYR B 86 10.91 -19.26 0.30
CA TYR B 86 9.51 -19.56 0.53
C TYR B 86 8.58 -18.48 -0.02
N GLU B 87 8.92 -17.23 0.26
CA GLU B 87 8.05 -16.12 -0.09
C GLU B 87 8.22 -15.74 -1.55
N LEU B 88 9.45 -15.82 -2.02
CA LEU B 88 9.80 -15.21 -3.30
C LEU B 88 10.34 -16.20 -4.32
N GLY B 89 10.54 -17.45 -3.90
CA GLY B 89 11.09 -18.44 -4.80
C GLY B 89 12.51 -18.14 -5.22
N VAL B 90 13.23 -17.26 -4.50
CA VAL B 90 14.46 -16.74 -5.09
C VAL B 90 15.74 -17.13 -4.36
N GLU B 91 16.77 -17.41 -5.16
CA GLU B 91 18.12 -17.64 -4.67
C GLU B 91 18.85 -16.33 -4.45
N ILE B 92 19.72 -16.30 -3.43
CA ILE B 92 20.39 -15.05 -3.09
C ILE B 92 21.86 -15.30 -2.75
N THR B 93 22.62 -14.21 -2.70
CA THR B 93 24.00 -14.25 -2.23
C THR B 93 24.00 -14.25 -0.71
N PRO B 94 25.12 -14.56 -0.07
CA PRO B 94 25.15 -14.51 1.41
C PRO B 94 24.70 -13.18 1.95
N PRO B 95 23.73 -13.22 2.86
CA PRO B 95 23.15 -12.00 3.41
C PRO B 95 24.19 -11.25 4.24
N GLU B 96 24.23 -9.94 4.05
CA GLU B 96 25.16 -9.10 4.79
C GLU B 96 24.43 -8.41 5.92
N SER B 97 25.04 -8.27 7.10
CA SER B 97 24.36 -7.65 8.23
C SER B 97 24.51 -6.14 8.13
N ILE B 98 23.39 -5.41 8.09
CA ILE B 98 23.45 -3.98 7.79
C ILE B 98 22.82 -3.16 8.92
N TYR B 99 22.14 -3.84 9.83
CA TYR B 99 21.58 -3.14 10.99
C TYR B 99 21.31 -4.17 12.08
N PRO B 100 22.38 -4.64 12.72
CA PRO B 100 22.29 -5.83 13.57
C PRO B 100 21.50 -5.57 14.84
N ASP B 101 21.33 -4.29 15.17
CA ASP B 101 20.77 -3.91 16.45
C ASP B 101 19.36 -3.35 16.32
N PHE B 102 18.77 -3.40 15.13
CA PHE B 102 17.41 -2.90 14.98
C PHE B 102 16.45 -3.61 15.93
N ARG B 103 15.60 -2.82 16.57
CA ARG B 103 14.56 -3.34 17.47
C ARG B 103 13.22 -2.72 17.10
N TYR B 104 12.14 -3.47 17.18
CA TYR B 104 10.89 -2.96 16.60
C TYR B 104 9.67 -3.41 17.40
N ARG B 105 8.89 -2.43 17.86
CA ARG B 105 7.61 -2.74 18.46
C ARG B 105 6.56 -1.86 17.80
N ALA B 106 5.47 -2.47 17.35
CA ALA B 106 4.50 -1.63 16.64
C ALA B 106 3.19 -2.38 16.52
N THR B 107 2.10 -1.61 16.48
CA THR B 107 0.75 -2.14 16.31
C THR B 107 0.23 -1.86 14.90
N ASP B 108 -0.33 -2.88 14.28
CA ASP B 108 -0.81 -2.80 12.89
C ASP B 108 -2.21 -2.22 12.84
N PRO B 109 -2.77 -1.94 11.66
CA PRO B 109 -4.09 -1.29 11.59
C PRO B 109 -5.21 -2.04 12.29
N SER B 110 -5.02 -3.29 12.71
CA SER B 110 -6.15 -3.98 13.34
C SER B 110 -5.88 -4.35 14.79
N GLY B 111 -4.77 -3.84 15.33
CA GLY B 111 -4.46 -4.18 16.72
C GLY B 111 -3.36 -5.23 16.86
N ILE B 112 -2.96 -5.88 15.78
CA ILE B 112 -1.95 -6.94 15.91
C ILE B 112 -0.58 -6.33 16.18
N VAL B 113 0.11 -6.80 17.21
CA VAL B 113 1.40 -6.24 17.59
C VAL B 113 2.58 -7.12 17.17
N GLU B 114 3.61 -6.45 16.67
CA GLU B 114 4.91 -7.04 16.45
C GLU B 114 5.86 -6.40 17.47
N ASN B 115 6.68 -7.24 18.07
CA ASN B 115 7.59 -6.83 19.12
C ASN B 115 8.85 -7.66 18.98
N GLU B 116 9.87 -7.08 18.34
CA GLU B 116 10.97 -7.91 17.89
C GLU B 116 12.34 -7.29 18.04
N VAL B 117 13.28 -8.22 18.15
CA VAL B 117 14.70 -8.03 17.88
C VAL B 117 14.88 -8.50 16.42
N CYS B 118 15.18 -7.56 15.54
CA CYS B 118 15.09 -7.83 14.11
C CYS B 118 16.31 -7.36 13.34
N PRO B 119 17.40 -8.11 13.38
CA PRO B 119 18.61 -7.75 12.63
C PRO B 119 18.21 -7.58 11.16
N VAL B 120 18.82 -6.63 10.48
CA VAL B 120 18.47 -6.40 9.08
C VAL B 120 19.60 -6.82 8.16
N PHE B 121 19.25 -7.38 7.00
CA PHE B 121 20.23 -7.84 6.05
C PHE B 121 19.99 -7.25 4.65
N ALA B 122 21.01 -7.40 3.82
CA ALA B 122 20.94 -7.10 2.40
C ALA B 122 21.58 -8.24 1.62
N ALA B 123 21.06 -8.48 0.41
CA ALA B 123 21.62 -9.53 -0.44
C ALA B 123 21.26 -9.29 -1.90
N ARG B 124 21.92 -10.04 -2.77
CA ARG B 124 21.65 -10.03 -4.20
C ARG B 124 20.83 -11.26 -4.56
N THR B 125 19.86 -11.10 -5.46
CA THR B 125 19.17 -12.29 -5.96
C THR B 125 19.99 -12.90 -7.09
N THR B 126 20.02 -14.21 -7.13
CA THR B 126 20.80 -14.97 -8.10
C THR B 126 19.94 -15.85 -9.00
N SER B 127 18.62 -15.74 -8.85
CA SER B 127 17.72 -16.50 -9.71
C SER B 127 16.49 -15.65 -10.00
N ALA B 128 15.63 -16.08 -10.92
CA ALA B 128 14.34 -15.48 -11.18
C ALA B 128 13.41 -15.62 -9.98
N LEU B 129 12.45 -14.72 -9.89
CA LEU B 129 11.45 -14.80 -8.84
C LEU B 129 10.42 -15.88 -9.13
N GLN B 130 9.96 -16.51 -8.06
CA GLN B 130 8.74 -17.31 -8.14
C GLN B 130 7.90 -16.92 -6.93
N ILE B 131 7.13 -15.84 -7.11
CA ILE B 131 6.37 -15.23 -6.05
C ILE B 131 5.36 -16.19 -5.43
N ASN B 132 5.33 -16.21 -4.10
CA ASN B 132 4.34 -17.02 -3.39
C ASN B 132 3.12 -16.16 -3.05
N ASP B 133 2.01 -16.39 -3.74
CA ASP B 133 0.86 -15.51 -3.57
C ASP B 133 0.24 -15.64 -2.19
N ASP B 134 0.55 -16.72 -1.47
CA ASP B 134 0.03 -16.76 -0.10
C ASP B 134 0.79 -15.74 0.77
N GLU B 135 1.92 -15.26 0.29
CA GLU B 135 2.75 -14.37 1.10
C GLU B 135 2.90 -12.99 0.52
N VAL B 136 2.90 -12.91 -0.80
CA VAL B 136 3.14 -11.65 -1.50
C VAL B 136 2.11 -11.43 -2.60
N MET B 137 1.46 -10.27 -2.55
CA MET B 137 0.33 -10.02 -3.45
C MET B 137 0.74 -9.12 -4.61
N ASP B 138 1.93 -8.53 -4.46
CA ASP B 138 2.39 -7.64 -5.53
C ASP B 138 3.86 -7.32 -5.28
N TYR B 139 4.57 -6.85 -6.30
CA TYR B 139 5.94 -6.45 -6.10
C TYR B 139 6.37 -5.51 -7.23
N GLN B 140 7.53 -4.87 -7.00
CA GLN B 140 8.11 -4.02 -8.03
C GLN B 140 9.63 -4.01 -7.90
N TRP B 141 10.36 -3.96 -9.01
CA TRP B 141 11.78 -3.65 -9.04
C TRP B 141 11.96 -2.13 -9.22
N CYS B 142 12.68 -1.51 -8.30
CA CYS B 142 12.75 -0.06 -8.26
C CYS B 142 14.17 0.45 -8.01
N ASP B 143 14.36 1.73 -8.34
CA ASP B 143 15.61 2.39 -7.99
C ASP B 143 15.54 2.81 -6.52
N LEU B 144 16.58 2.49 -5.75
CA LEU B 144 16.60 2.79 -4.33
C LEU B 144 16.30 4.26 -4.06
N ALA B 145 16.91 5.13 -4.85
CA ALA B 145 16.73 6.57 -4.71
C ALA B 145 15.26 6.94 -4.72
N ASP B 146 14.54 6.36 -5.68
CA ASP B 146 13.10 6.62 -5.78
C ASP B 146 12.40 6.13 -4.51
N VAL B 147 12.76 4.92 -4.06
CA VAL B 147 12.06 4.39 -2.88
C VAL B 147 12.30 5.28 -1.68
N LEU B 148 13.54 5.77 -1.54
CA LEU B 148 13.80 6.59 -0.36
C LEU B 148 13.07 7.92 -0.48
N HIS B 149 13.01 8.46 -1.69
CA HIS B 149 12.25 9.72 -1.85
C HIS B 149 10.79 9.49 -1.51
N GLY B 150 10.23 8.36 -1.96
CA GLY B 150 8.82 8.13 -1.63
C GLY B 150 8.63 7.97 -0.14
N ILE B 151 9.59 7.30 0.51
CA ILE B 151 9.45 7.09 1.96
C ILE B 151 9.47 8.43 2.68
N ASP B 152 10.38 9.32 2.30
CA ASP B 152 10.39 10.63 2.98
C ASP B 152 9.15 11.44 2.70
N ALA B 153 8.58 11.36 1.50
CA ALA B 153 7.41 12.18 1.16
C ALA B 153 6.12 11.67 1.79
N THR B 154 5.89 10.35 1.78
CA THR B 154 4.67 9.71 2.28
C THR B 154 4.99 8.44 3.04
N PRO B 155 5.65 8.58 4.19
CA PRO B 155 6.11 7.44 4.97
C PRO B 155 4.97 6.55 5.45
N TRP B 156 3.79 7.12 5.63
CA TRP B 156 2.58 6.48 6.10
C TRP B 156 2.03 5.48 5.07
N ALA B 157 2.57 5.50 3.87
CA ALA B 157 2.04 4.58 2.87
C ALA B 157 2.79 3.25 2.88
N PHE B 158 3.82 3.15 3.72
CA PHE B 158 4.66 1.97 3.77
C PHE B 158 4.66 1.39 5.18
N SER B 159 5.01 0.11 5.27
CA SER B 159 5.13 -0.50 6.60
C SER B 159 6.13 0.28 7.44
N PRO B 160 5.83 0.54 8.71
CA PRO B 160 6.74 1.35 9.53
C PRO B 160 8.11 0.72 9.65
N TRP B 161 8.24 -0.63 9.63
CA TRP B 161 9.60 -1.17 9.78
C TRP B 161 10.49 -0.77 8.61
N MET B 162 9.92 -0.79 7.41
CA MET B 162 10.71 -0.46 6.22
C MET B 162 11.27 0.96 6.31
N VAL B 163 10.42 1.87 6.76
CA VAL B 163 10.79 3.28 6.90
C VAL B 163 11.88 3.43 7.94
N MET B 164 11.71 2.79 9.09
CA MET B 164 12.67 2.85 10.18
C MET B 164 14.05 2.35 9.78
N GLN B 165 14.08 1.25 9.04
CA GLN B 165 15.38 0.68 8.66
C GLN B 165 16.06 1.56 7.63
N ALA B 166 15.26 2.09 6.69
CA ALA B 166 15.79 2.90 5.60
C ALA B 166 16.21 4.27 6.11
N THR B 167 15.72 4.64 7.29
CA THR B 167 16.16 5.97 7.74
C THR B 167 17.38 5.84 8.64
N ASN B 168 17.76 4.60 8.99
CA ASN B 168 18.97 4.44 9.79
C ASN B 168 20.16 4.73 8.88
N ARG B 169 21.06 5.59 9.36
CA ARG B 169 22.15 6.09 8.52
C ARG B 169 23.05 4.99 8.00
N GLU B 170 23.48 4.12 8.92
CA GLU B 170 24.47 3.15 8.46
C GLU B 170 23.81 2.09 7.59
N ALA B 171 22.59 1.70 7.93
CA ALA B 171 21.91 0.71 7.08
C ALA B 171 21.74 1.26 5.68
N ARG B 172 21.33 2.53 5.58
CA ARG B 172 21.04 3.17 4.30
C ARG B 172 22.27 3.20 3.40
N LYS B 173 23.43 3.40 4.03
CA LYS B 173 24.67 3.37 3.25
C LYS B 173 24.92 2.00 2.65
N ARG B 174 24.50 0.96 3.38
CA ARG B 174 24.64 -0.39 2.84
C ARG B 174 23.65 -0.66 1.73
N LEU B 175 22.39 -0.25 1.90
CA LEU B 175 21.45 -0.35 0.77
C LEU B 175 22.06 0.34 -0.45
N SER B 176 22.58 1.56 -0.25
CA SER B 176 23.17 2.31 -1.37
C SER B 176 24.23 1.50 -2.11
N ALA B 177 25.11 0.86 -1.34
CA ALA B 177 26.17 0.07 -1.94
C ALA B 177 25.61 -1.07 -2.79
N PHE B 178 24.38 -1.50 -2.48
CA PHE B 178 23.86 -2.66 -3.23
C PHE B 178 23.24 -2.21 -4.53
N THR B 179 23.22 -0.90 -4.82
CA THR B 179 22.64 -0.44 -6.08
C THR B 179 23.61 -0.53 -7.24
N GLN B 180 24.86 -0.88 -6.92
CA GLN B 180 25.87 -1.01 -7.97
C GLN B 180 25.47 -2.18 -8.87
N LEU B 181 25.75 -2.04 -10.17
CA LEU B 181 25.44 -3.13 -11.08
C LEU B 181 26.46 -4.25 -10.91
N LYS B 182 26.04 -5.50 -10.85
CA LYS B 182 27.05 -6.53 -10.68
C LYS B 182 26.82 -7.71 -11.64
N LEU B 183 27.93 -8.19 -12.21
CA LEU B 183 27.96 -9.35 -13.07
C LEU B 183 28.54 -10.56 -12.34
MN MN C . -16.50 0.32 -10.81
MG MG D . -15.83 4.46 -2.75
O1 BHI E . -12.17 2.81 -9.99
O1 BHI E . -13.09 2.34 -10.04
O2 BHI E . -16.43 1.29 -3.36
O2 BHI E . -17.60 0.89 -3.91
O3 BHI E . -18.54 2.22 -3.87
O3 BHI E . -19.10 2.34 -4.98
O4 BHI E . -16.75 3.57 -3.06
O4 BHI E . -17.55 3.13 -3.36
P5 BHI E . -17.04 2.36 -3.90
P5 BHI E . -17.69 2.13 -4.46
O6 BHI E . -16.53 2.58 -5.34
O6 BHI E . -16.68 2.38 -5.56
O7 BHI E . -14.52 1.54 -6.16
O7 BHI E . -14.44 1.49 -5.42
O8 BHI E . -14.42 3.09 -4.33
O8 BHI E . -15.09 3.37 -4.06
P9 BHI E . -15.01 2.66 -5.65
P9 BHI E . -15.16 2.61 -5.37
C10 BHI E . -11.14 4.66 -8.39
C10 BHI E . -12.36 3.51 -7.81
C11 BHI E . -12.29 2.75 -7.38
C11 BHI E . -12.37 4.86 -9.88
C12 BHI E . -14.72 3.62 -7.92
C12 BHI E . -15.14 3.27 -7.75
C13 BHI E . -13.63 4.50 -8.56
C13 BHI E . -14.54 4.20 -8.81
C14 BHI E . -12.32 3.67 -8.64
C14 BHI E . -13.10 3.69 -9.16
O15 BHI E . -14.87 3.91 -6.52
O15 BHI E . -14.78 3.66 -6.42
BR BHI E . -11.80 6.13 -9.30
BR BHI E . -12.31 1.66 -7.78
MN MN F . 6.92 -11.57 14.84
MG MG G . 7.60 -12.81 5.85
O1 BHI H . 8.04 -7.51 12.23
O1 BHI H . 9.09 -7.05 11.82
O2 BHI H . 5.28 -14.67 8.44
O2 BHI H . 4.97 -13.89 8.63
O3 BHI H . 7.36 -15.55 9.12
O3 BHI H . 6.81 -14.94 9.71
O4 BHI H . 7.13 -14.36 7.05
O4 BHI H . 7.04 -13.94 7.57
P5 BHI H . 6.61 -14.42 8.47
P5 BHI H . 6.30 -13.79 8.88
O6 BHI H . 6.92 -13.12 9.20
O6 BHI H . 6.68 -12.47 9.53
O7 BHI H . 5.45 -11.23 8.99
O7 BHI H . 5.92 -10.21 9.22
O8 BHI H . 6.89 -11.85 7.15
O8 BHI H . 6.85 -11.41 7.38
P9 BHI H . 6.64 -11.70 8.63
P9 BHI H . 6.85 -11.10 8.85
C10 BHI H . 9.67 -7.62 10.10
C10 BHI H . 8.31 -7.64 9.35
C11 BHI H . 7.29 -8.24 9.85
C11 BHI H . 10.64 -6.89 9.69
C12 BHI H . 7.69 -10.59 10.55
C12 BHI H . 8.46 -9.93 10.35
C13 BHI H . 8.84 -9.74 11.09
C13 BHI H . 9.82 -9.19 10.46
C14 BHI H . 8.47 -8.24 10.87
C14 BHI H . 9.48 -7.67 10.37
O15 BHI H . 7.83 -10.89 9.15
O15 BHI H . 8.29 -10.68 9.15
BR BHI H . 10.30 -6.43 11.35
BR BHI H . 6.99 -6.90 10.43
#